data_8BO4
#
_entry.id   8BO4
#
_cell.length_a   59.303
_cell.length_b   59.449
_cell.length_c   68.148
_cell.angle_alpha   90.000
_cell.angle_beta   90.000
_cell.angle_gamma   90.000
#
_symmetry.space_group_name_H-M   'P 21 21 21'
#
loop_
_entity.id
_entity.type
_entity.pdbx_description
1 polymer 'Coagulation factor XIa light chain'
2 non-polymer GLYCEROL
3 non-polymer 4-(aminomethyl)-~{N}-[(2~{S})-1-oxidanylidene-3-phenyl-1-[[4-(1~{H}-1,2,3,4-tetrazol-5-yl)phenyl]amino]propan-2-yl]cyclohexane-1-carboxamide
4 water water
#
_entity_poly.entity_id   1
_entity_poly.type   'polypeptide(L)'
_entity_poly.pdbx_seq_one_letter_code
;IVGGTASVRGEWPWQVTLHTTSPTQRHLCGGSIIGNQWILTAAHCFYGVESPKILRVYSGILNQSEIKEDTSFFGVQEII
IHDQYKMAESGYDIALLKLETTVNYTDSQRPISLPSKGDRNVIYTDCWVTGWGYRKLRDKIQNTLQKAKIPLVTNEECQK
RYRGHKITHKMICAGYREGGKDACKGDSGGPLSCKHNEVWHLVGITSWGEGCAQRERPGVYTNVVEYVDWILEKTQAV
;
_entity_poly.pdbx_strand_id   AAA
#
loop_
_chem_comp.id
_chem_comp.type
_chem_comp.name
_chem_comp.formula
GOL non-polymer GLYCEROL 'C3 H8 O3'
QVI non-polymer 4-(aminomethyl)-~{N}-[(2~{S})-1-oxidanylidene-3-phenyl-1-[[4-(1~{H}-1,2,3,4-tetrazol-5-yl)phenyl]amino]propan-2-yl]cyclohexane-1-carboxamide 'C24 H29 N7 O2'
#
# COMPACT_ATOMS: atom_id res chain seq x y z
N ILE A 1 -10.63 2.44 3.23
CA ILE A 1 -10.20 2.98 4.58
C ILE A 1 -11.47 3.19 5.39
N VAL A 2 -11.55 2.61 6.60
CA VAL A 2 -12.66 2.81 7.58
C VAL A 2 -12.30 3.98 8.51
N GLY A 3 -13.27 4.87 8.75
CA GLY A 3 -13.18 6.00 9.68
C GLY A 3 -12.24 7.08 9.19
N GLY A 4 -12.01 7.16 7.89
CA GLY A 4 -11.08 8.12 7.25
C GLY A 4 -11.82 9.33 6.74
N THR A 5 -11.10 10.19 6.03
N THR A 5 -11.09 10.21 6.04
CA THR A 5 -11.63 11.43 5.40
CA THR A 5 -11.62 11.46 5.43
C THR A 5 -11.06 11.52 3.99
C THR A 5 -11.04 11.56 4.02
N ALA A 6 -11.68 12.34 3.14
CA ALA A 6 -11.20 12.59 1.77
C ALA A 6 -9.83 13.24 1.86
N SER A 7 -8.91 12.84 0.98
CA SER A 7 -7.65 13.57 0.70
C SER A 7 -7.93 14.70 -0.29
N VAL A 8 -6.95 15.60 -0.46
CA VAL A 8 -6.96 16.65 -1.51
C VAL A 8 -5.86 16.34 -2.54
N ARG A 9 -5.88 17.00 -3.68
CA ARG A 9 -4.90 16.81 -4.77
C ARG A 9 -3.50 17.17 -4.26
N GLY A 10 -2.53 16.30 -4.53
CA GLY A 10 -1.12 16.49 -4.15
C GLY A 10 -0.84 16.18 -2.68
N GLU A 11 -1.83 15.69 -1.91
CA GLU A 11 -1.62 15.43 -0.45
C GLU A 11 -0.72 14.20 -0.25
N TRP A 12 -0.87 13.17 -1.10
CA TRP A 12 -0.18 11.86 -0.98
C TRP A 12 0.42 11.54 -2.35
N PRO A 13 1.38 12.36 -2.84
CA PRO A 13 1.81 12.21 -4.23
C PRO A 13 2.58 10.92 -4.58
N TRP A 14 3.00 10.13 -3.58
CA TRP A 14 3.61 8.79 -3.79
C TRP A 14 2.53 7.72 -3.93
N GLN A 15 1.27 7.99 -3.60
CA GLN A 15 0.19 6.98 -3.70
C GLN A 15 -0.14 6.72 -5.18
N VAL A 16 -0.14 5.46 -5.62
CA VAL A 16 -0.63 5.12 -6.99
C VAL A 16 -1.86 4.22 -6.88
N THR A 17 -2.61 4.12 -7.98
CA THR A 17 -3.68 3.08 -8.13
C THR A 17 -3.22 2.13 -9.25
N LEU A 18 -3.12 0.86 -8.92
CA LEU A 18 -2.74 -0.22 -9.86
C LEU A 18 -4.03 -0.80 -10.38
N HIS A 19 -4.25 -0.70 -11.70
CA HIS A 19 -5.44 -1.26 -12.39
C HIS A 19 -5.08 -2.57 -13.06
N THR A 20 -6.01 -3.50 -13.00
CA THR A 20 -6.01 -4.64 -13.95
C THR A 20 -6.93 -4.26 -15.11
N THR A 21 -6.77 -4.92 -16.24
CA THR A 21 -7.63 -4.65 -17.41
C THR A 21 -8.24 -5.96 -17.88
N SER A 22 -8.25 -7.00 -17.05
CA SER A 22 -8.83 -8.30 -17.49
C SER A 22 -9.71 -8.86 -16.39
N PRO A 23 -10.98 -9.19 -16.64
CA PRO A 23 -11.62 -8.98 -17.95
C PRO A 23 -12.16 -7.57 -18.19
N THR A 24 -12.18 -6.77 -17.14
CA THR A 24 -12.57 -5.35 -17.25
C THR A 24 -11.54 -4.47 -16.51
N GLN A 25 -11.52 -3.18 -16.79
CA GLN A 25 -10.53 -2.29 -16.13
C GLN A 25 -11.08 -1.87 -14.76
N ARG A 26 -10.28 -2.10 -13.71
CA ARG A 26 -10.71 -1.70 -12.36
C ARG A 26 -9.48 -1.63 -11.44
N HIS A 27 -9.60 -0.85 -10.40
CA HIS A 27 -8.59 -0.79 -9.32
C HIS A 27 -8.37 -2.16 -8.70
N LEU A 28 -7.11 -2.55 -8.56
CA LEU A 28 -6.68 -3.83 -7.98
C LEU A 28 -6.06 -3.57 -6.59
N CYS A 29 -5.15 -2.62 -6.51
CA CYS A 29 -4.30 -2.47 -5.30
C CYS A 29 -3.73 -1.07 -5.29
N GLY A 30 -3.32 -0.62 -4.11
CA GLY A 30 -2.48 0.59 -3.97
C GLY A 30 -1.03 0.27 -4.23
N GLY A 31 -0.21 1.29 -4.23
CA GLY A 31 1.25 1.17 -4.39
C GLY A 31 1.87 2.50 -4.08
N SER A 32 3.19 2.53 -3.96
CA SER A 32 3.97 3.71 -3.59
C SER A 32 5.13 3.92 -4.57
N ILE A 33 5.24 5.13 -5.08
CA ILE A 33 6.43 5.56 -5.86
C ILE A 33 7.65 5.61 -4.94
N ILE A 34 8.64 4.77 -5.23
CA ILE A 34 9.93 4.80 -4.48
C ILE A 34 11.11 5.18 -5.37
N GLY A 35 10.92 5.27 -6.68
CA GLY A 35 12.00 5.61 -7.62
C GLY A 35 11.41 5.96 -8.96
N ASN A 36 12.17 6.57 -9.87
CA ASN A 36 11.51 7.07 -11.11
CA ASN A 36 11.71 7.02 -11.22
C ASN A 36 10.93 5.90 -11.92
N GLN A 37 11.41 4.67 -11.75
CA GLN A 37 10.89 3.51 -12.49
C GLN A 37 10.28 2.45 -11.57
N TRP A 38 10.02 2.78 -10.30
CA TRP A 38 9.82 1.73 -9.27
C TRP A 38 8.58 2.01 -8.41
N ILE A 39 7.69 1.02 -8.31
CA ILE A 39 6.50 1.03 -7.43
C ILE A 39 6.71 -0.08 -6.41
N LEU A 40 6.52 0.24 -5.13
CA LEU A 40 6.49 -0.80 -4.06
C LEU A 40 5.04 -1.11 -3.71
N THR A 41 4.68 -2.39 -3.72
CA THR A 41 3.30 -2.85 -3.43
C THR A 41 3.34 -4.19 -2.72
N ALA A 42 2.19 -4.83 -2.59
CA ALA A 42 2.06 -6.15 -1.92
C ALA A 42 2.14 -7.26 -2.97
N ALA A 43 2.82 -8.36 -2.65
CA ALA A 43 2.92 -9.56 -3.51
C ALA A 43 1.52 -10.16 -3.76
N HIS A 44 0.62 -10.16 -2.76
CA HIS A 44 -0.67 -10.89 -2.85
C HIS A 44 -1.52 -10.26 -3.98
N CYS A 45 -1.23 -9.02 -4.37
CA CYS A 45 -2.03 -8.30 -5.39
C CYS A 45 -2.05 -9.06 -6.73
N PHE A 46 -1.05 -9.90 -6.96
CA PHE A 46 -0.80 -10.54 -8.27
C PHE A 46 -1.34 -11.96 -8.36
N TYR A 47 -2.08 -12.43 -7.35
CA TYR A 47 -2.73 -13.76 -7.43
C TYR A 47 -3.63 -13.78 -8.69
N GLY A 48 -3.44 -14.70 -9.60
CA GLY A 48 -4.28 -14.64 -10.83
C GLY A 48 -4.16 -13.38 -11.70
N VAL A 49 -3.09 -12.57 -11.59
CA VAL A 49 -2.63 -11.68 -12.69
C VAL A 49 -1.78 -12.54 -13.63
N GLU A 50 -2.26 -12.78 -14.85
CA GLU A 50 -1.64 -13.71 -15.83
C GLU A 50 -0.25 -13.20 -16.23
N SER A 51 -0.07 -11.89 -16.32
CA SER A 51 1.21 -11.29 -16.73
C SER A 51 1.14 -9.79 -16.50
N PRO A 52 2.28 -9.08 -16.54
CA PRO A 52 2.26 -7.63 -16.43
C PRO A 52 1.54 -6.91 -17.60
N LYS A 53 1.27 -7.61 -18.68
CA LYS A 53 0.60 -7.03 -19.89
C LYS A 53 -0.76 -6.39 -19.57
N ILE A 54 -1.45 -6.89 -18.54
CA ILE A 54 -2.84 -6.44 -18.21
C ILE A 54 -2.81 -5.34 -17.17
N LEU A 55 -1.62 -4.91 -16.69
CA LEU A 55 -1.55 -3.94 -15.56
C LEU A 55 -1.41 -2.53 -16.11
N ARG A 56 -1.95 -1.57 -15.38
CA ARG A 56 -1.74 -0.14 -15.67
C ARG A 56 -1.46 0.56 -14.35
N VAL A 57 -0.43 1.39 -14.28
CA VAL A 57 -0.14 2.16 -13.04
C VAL A 57 -0.57 3.60 -13.29
N TYR A 58 -1.49 4.12 -12.49
CA TYR A 58 -1.91 5.52 -12.54
C TYR A 58 -1.33 6.28 -11.35
N SER A 59 -0.62 7.37 -11.65
CA SER A 59 -0.09 8.32 -10.64
C SER A 59 -0.81 9.64 -10.76
N GLY A 60 -0.76 10.41 -9.68
CA GLY A 60 -1.34 11.75 -9.70
C GLY A 60 -2.85 11.72 -9.72
N ILE A 61 -3.47 10.60 -9.31
CA ILE A 61 -4.94 10.42 -9.24
C ILE A 61 -5.45 10.75 -7.83
N LEU A 62 -6.46 11.59 -7.75
CA LEU A 62 -7.26 11.77 -6.51
C LEU A 62 -8.52 10.92 -6.60
N ASN A 63 -9.30 11.12 -7.66
CA ASN A 63 -10.61 10.46 -7.87
C ASN A 63 -10.47 9.39 -8.96
N GLN A 64 -10.97 8.17 -8.72
CA GLN A 64 -10.95 7.07 -9.72
C GLN A 64 -11.68 7.52 -10.99
N SER A 65 -12.67 8.39 -10.81
CA SER A 65 -13.54 8.92 -11.91
C SER A 65 -12.75 9.82 -12.87
N GLU A 66 -11.54 10.24 -12.52
CA GLU A 66 -10.60 11.05 -13.35
C GLU A 66 -10.08 10.19 -14.50
N ILE A 67 -10.09 8.87 -14.33
CA ILE A 67 -9.39 7.95 -15.28
C ILE A 67 -10.33 7.69 -16.46
N LYS A 68 -9.96 8.17 -17.64
CA LYS A 68 -10.71 7.96 -18.91
C LYS A 68 -9.78 7.29 -19.92
N GLU A 69 -10.29 7.04 -21.13
CA GLU A 69 -9.57 6.22 -22.14
C GLU A 69 -8.29 6.92 -22.64
N ASP A 70 -8.19 8.24 -22.47
CA ASP A 70 -6.96 9.00 -22.87
C ASP A 70 -6.07 9.33 -21.67
N THR A 71 -6.42 8.91 -20.45
CA THR A 71 -5.62 9.23 -19.23
C THR A 71 -4.29 8.50 -19.32
N SER A 72 -3.17 9.20 -19.13
CA SER A 72 -1.86 8.54 -19.27
CA SER A 72 -1.83 8.60 -19.22
C SER A 72 -1.62 7.62 -18.05
N PHE A 73 -0.95 6.51 -18.32
CA PHE A 73 -0.60 5.53 -17.26
C PHE A 73 0.78 5.02 -17.60
N PHE A 74 1.37 4.28 -16.68
CA PHE A 74 2.67 3.65 -16.89
C PHE A 74 2.42 2.18 -17.18
N GLY A 75 3.04 1.66 -18.23
CA GLY A 75 3.07 0.21 -18.41
C GLY A 75 3.99 -0.41 -17.39
N VAL A 76 3.80 -1.71 -17.13
CA VAL A 76 4.65 -2.48 -16.18
C VAL A 76 5.58 -3.38 -16.98
N GLN A 77 6.88 -3.16 -16.83
CA GLN A 77 7.92 -3.97 -17.50
C GLN A 77 8.05 -5.33 -16.80
N GLU A 78 8.06 -5.34 -15.47
CA GLU A 78 8.38 -6.53 -14.68
C GLU A 78 7.66 -6.45 -13.34
N ILE A 79 7.14 -7.58 -12.89
CA ILE A 79 6.70 -7.77 -11.48
C ILE A 79 7.75 -8.60 -10.76
N ILE A 80 8.28 -8.06 -9.65
CA ILE A 80 9.31 -8.75 -8.84
C ILE A 80 8.69 -9.06 -7.49
N ILE A 81 8.30 -10.31 -7.29
CA ILE A 81 7.75 -10.76 -5.99
C ILE A 81 8.88 -11.39 -5.19
N HIS A 82 8.93 -11.10 -3.90
CA HIS A 82 9.91 -11.73 -2.99
C HIS A 82 9.88 -13.25 -3.16
N ASP A 83 11.05 -13.87 -3.26
CA ASP A 83 11.18 -15.32 -3.59
C ASP A 83 10.65 -16.19 -2.45
N GLN A 84 10.48 -15.67 -1.23
CA GLN A 84 9.96 -16.48 -0.10
C GLN A 84 8.46 -16.27 0.08
N TYR A 85 7.83 -15.39 -0.68
CA TYR A 85 6.37 -15.15 -0.56
C TYR A 85 5.56 -16.41 -0.91
N LYS A 86 4.58 -16.75 -0.08
CA LYS A 86 3.56 -17.79 -0.37
C LYS A 86 2.15 -17.24 -0.12
N MET A 87 1.96 -16.44 0.92
CA MET A 87 0.63 -15.99 1.35
C MET A 87 0.81 -14.75 2.25
N ALA A 88 -0.05 -13.74 2.10
CA ALA A 88 0.04 -12.46 2.88
C ALA A 88 0.28 -12.71 4.37
N GLU A 89 -0.54 -13.54 5.00
CA GLU A 89 -0.49 -13.79 6.45
C GLU A 89 0.84 -14.44 6.86
N SER A 90 1.57 -15.09 5.95
N SER A 90 1.55 -15.10 5.95
CA SER A 90 2.87 -15.77 6.22
CA SER A 90 2.84 -15.76 6.24
C SER A 90 4.09 -14.88 5.89
C SER A 90 3.99 -14.73 6.27
N GLY A 91 3.86 -13.62 5.54
CA GLY A 91 4.89 -12.58 5.44
C GLY A 91 5.53 -12.54 4.06
N TYR A 92 6.62 -11.79 3.91
CA TYR A 92 7.29 -11.53 2.61
C TYR A 92 6.30 -10.96 1.61
N ASP A 93 5.27 -10.25 2.09
CA ASP A 93 4.20 -9.72 1.21
C ASP A 93 4.70 -8.40 0.61
N ILE A 94 5.58 -8.53 -0.37
CA ILE A 94 6.24 -7.33 -0.96
C ILE A 94 6.57 -7.63 -2.41
N ALA A 95 6.40 -6.62 -3.23
CA ALA A 95 6.60 -6.72 -4.69
C ALA A 95 7.04 -5.37 -5.22
N LEU A 96 7.92 -5.40 -6.20
CA LEU A 96 8.31 -4.20 -6.96
C LEU A 96 7.66 -4.31 -8.33
N LEU A 97 7.17 -3.20 -8.83
CA LEU A 97 6.84 -3.07 -10.26
C LEU A 97 7.93 -2.19 -10.86
N LYS A 98 8.61 -2.71 -11.87
CA LYS A 98 9.48 -1.92 -12.74
C LYS A 98 8.59 -1.35 -13.85
N LEU A 99 8.58 -0.03 -13.99
CA LEU A 99 7.79 0.66 -15.03
C LEU A 99 8.56 0.64 -16.34
N GLU A 100 7.83 0.71 -17.44
CA GLU A 100 8.40 0.72 -18.79
C GLU A 100 9.21 2.01 -19.02
N THR A 101 8.90 3.09 -18.32
CA THR A 101 9.61 4.38 -18.49
C THR A 101 9.71 5.09 -17.14
N THR A 102 10.39 6.24 -17.07
CA THR A 102 10.61 6.95 -15.79
C THR A 102 9.43 7.89 -15.50
N VAL A 103 9.03 8.00 -14.25
CA VAL A 103 8.05 9.01 -13.76
C VAL A 103 8.83 10.33 -13.74
N ASN A 104 8.39 11.36 -14.45
CA ASN A 104 8.86 12.75 -14.19
C ASN A 104 8.14 13.24 -12.96
N TYR A 105 8.87 13.57 -11.90
CA TYR A 105 8.23 13.98 -10.63
C TYR A 105 7.60 15.38 -10.82
N THR A 106 6.38 15.57 -10.31
CA THR A 106 5.64 16.85 -10.30
C THR A 106 5.01 17.02 -8.93
N ASP A 107 4.28 18.12 -8.69
CA ASP A 107 3.50 18.31 -7.44
C ASP A 107 2.60 17.09 -7.18
N SER A 108 2.14 16.40 -8.21
CA SER A 108 1.10 15.36 -8.07
C SER A 108 1.71 13.95 -8.03
N GLN A 109 3.02 13.77 -8.31
CA GLN A 109 3.64 12.41 -8.37
C GLN A 109 5.10 12.54 -7.91
N ARG A 110 5.35 12.00 -6.72
CA ARG A 110 6.60 12.27 -5.97
C ARG A 110 6.96 10.97 -5.27
N PRO A 111 8.26 10.70 -5.08
CA PRO A 111 8.70 9.51 -4.38
C PRO A 111 8.59 9.72 -2.85
N ILE A 112 8.41 8.60 -2.16
CA ILE A 112 8.53 8.51 -0.69
C ILE A 112 9.85 7.81 -0.35
N SER A 113 10.53 8.33 0.66
CA SER A 113 11.81 7.78 1.20
C SER A 113 11.57 6.45 1.91
N LEU A 114 12.54 5.56 1.79
CA LEU A 114 12.55 4.31 2.60
C LEU A 114 13.07 4.68 3.98
N PRO A 115 12.71 3.93 5.02
CA PRO A 115 13.31 4.10 6.35
C PRO A 115 14.78 3.67 6.35
N SER A 116 15.59 4.21 7.28
CA SER A 116 17.04 3.93 7.43
C SER A 116 17.29 2.74 8.37
N VAL A 122 14.03 4.61 16.04
CA VAL A 122 12.99 5.64 15.76
C VAL A 122 11.64 5.13 16.25
N ILE A 123 10.91 5.97 17.00
CA ILE A 123 9.50 5.73 17.41
C ILE A 123 8.60 6.60 16.53
N TYR A 124 7.82 5.99 15.62
CA TYR A 124 6.94 6.74 14.70
C TYR A 124 5.61 6.99 15.39
N THR A 125 5.26 8.27 15.58
CA THR A 125 4.00 8.67 16.27
C THR A 125 3.01 9.36 15.30
N ASP A 126 3.35 9.51 14.02
CA ASP A 126 2.53 10.27 13.04
C ASP A 126 2.40 9.44 11.76
N CYS A 127 1.62 8.34 11.83
CA CYS A 127 1.48 7.34 10.74
C CYS A 127 0.08 7.36 10.14
N TRP A 128 0.03 7.26 8.82
CA TRP A 128 -1.21 7.45 8.03
C TRP A 128 -1.36 6.31 7.05
N VAL A 129 -2.57 5.78 6.93
CA VAL A 129 -2.88 4.77 5.89
C VAL A 129 -3.83 5.43 4.89
N THR A 130 -3.66 5.13 3.61
CA THR A 130 -4.34 5.83 2.50
C THR A 130 -4.77 4.80 1.46
N GLY A 131 -5.91 5.05 0.81
CA GLY A 131 -6.31 4.22 -0.32
C GLY A 131 -7.75 4.45 -0.74
N TRP A 132 -8.19 3.70 -1.76
CA TRP A 132 -9.55 3.75 -2.33
C TRP A 132 -10.39 2.56 -1.84
N GLY A 133 -9.96 1.88 -0.79
CA GLY A 133 -10.64 0.66 -0.30
C GLY A 133 -11.99 0.93 0.33
N TYR A 134 -12.63 -0.16 0.75
CA TYR A 134 -13.98 -0.15 1.36
C TYR A 134 -13.95 0.72 2.64
N ARG A 135 -15.09 1.33 2.97
CA ARG A 135 -15.29 2.04 4.26
C ARG A 135 -15.88 1.09 5.31
N LYS A 136 -16.18 -0.16 4.95
CA LYS A 136 -16.75 -1.22 5.81
C LYS A 136 -16.60 -2.56 5.08
N LEU A 137 -16.76 -3.69 5.79
CA LEU A 137 -16.39 -5.04 5.27
C LEU A 137 -17.11 -5.35 3.95
N ARG A 138 -18.41 -5.05 3.81
CA ARG A 138 -19.19 -5.25 2.56
C ARG A 138 -19.55 -3.88 2.00
N ASP A 139 -18.83 -3.42 0.98
CA ASP A 139 -18.87 -2.02 0.50
C ASP A 139 -18.39 -2.01 -0.95
N LYS A 140 -17.77 -0.93 -1.42
CA LYS A 140 -17.30 -0.79 -2.82
C LYS A 140 -15.99 0.00 -2.79
N ILE A 141 -15.28 0.04 -3.92
CA ILE A 141 -14.07 0.90 -4.06
C ILE A 141 -14.57 2.35 -4.02
N GLN A 142 -13.85 3.24 -3.33
CA GLN A 142 -14.25 4.65 -3.12
C GLN A 142 -13.72 5.47 -4.31
N ASN A 143 -14.46 6.50 -4.71
CA ASN A 143 -13.99 7.41 -5.78
C ASN A 143 -12.76 8.21 -5.29
N THR A 144 -12.89 8.83 -4.12
CA THR A 144 -11.87 9.79 -3.66
C THR A 144 -10.91 9.10 -2.67
N LEU A 145 -9.61 9.28 -2.87
CA LEU A 145 -8.54 8.72 -2.00
C LEU A 145 -8.82 9.13 -0.55
N GLN A 146 -8.86 8.16 0.34
CA GLN A 146 -9.17 8.37 1.78
C GLN A 146 -7.88 8.26 2.59
N LYS A 147 -7.87 8.87 3.78
CA LYS A 147 -6.70 8.89 4.68
C LYS A 147 -7.20 8.66 6.10
N ALA A 148 -6.37 8.03 6.93
CA ALA A 148 -6.67 7.86 8.37
C ALA A 148 -5.36 7.78 9.13
N LYS A 149 -5.30 8.46 10.27
CA LYS A 149 -4.10 8.39 11.14
C LYS A 149 -4.29 7.19 12.08
N ILE A 150 -3.29 6.34 12.18
CA ILE A 150 -3.39 5.08 12.97
C ILE A 150 -2.16 4.91 13.82
N PRO A 151 -2.31 4.54 15.11
CA PRO A 151 -1.15 4.31 15.96
C PRO A 151 -0.52 2.93 15.71
N LEU A 152 0.81 2.90 15.72
CA LEU A 152 1.51 1.60 15.67
C LEU A 152 1.28 0.87 16.98
N VAL A 153 1.20 -0.46 16.93
CA VAL A 153 1.14 -1.30 18.15
C VAL A 153 2.41 -2.15 18.17
N THR A 154 2.79 -2.67 19.31
CA THR A 154 4.03 -3.51 19.41
C THR A 154 3.75 -4.84 18.72
N ASN A 155 4.80 -5.51 18.25
CA ASN A 155 4.69 -6.88 17.70
C ASN A 155 4.19 -7.83 18.80
N GLU A 156 4.58 -7.60 20.05
CA GLU A 156 4.10 -8.40 21.21
C GLU A 156 2.59 -8.26 21.34
N GLU A 157 2.04 -7.05 21.26
CA GLU A 157 0.56 -6.84 21.36
C GLU A 157 -0.10 -7.50 20.14
N CYS A 158 0.48 -7.29 18.96
CA CYS A 158 -0.10 -7.80 17.68
C CYS A 158 -0.21 -9.33 17.72
N GLN A 159 0.86 -10.03 18.13
CA GLN A 159 0.83 -11.52 18.20
C GLN A 159 -0.33 -11.98 19.10
N LYS A 160 -0.54 -11.31 20.24
CA LYS A 160 -1.61 -11.67 21.21
C LYS A 160 -2.98 -11.56 20.58
N ARG A 161 -3.13 -10.72 19.56
CA ARG A 161 -4.42 -10.54 18.84
C ARG A 161 -4.56 -11.51 17.66
N TYR A 162 -3.48 -12.19 17.27
CA TYR A 162 -3.48 -13.07 16.07
C TYR A 162 -2.83 -14.41 16.42
N ARG A 163 -3.40 -15.13 17.38
CA ARG A 163 -2.76 -16.34 17.93
C ARG A 163 -2.80 -17.51 16.91
N GLY A 164 -3.54 -17.36 15.82
CA GLY A 164 -3.58 -18.33 14.71
C GLY A 164 -2.50 -18.11 13.67
N HIS A 165 -1.70 -17.06 13.83
CA HIS A 165 -0.71 -16.62 12.82
C HIS A 165 0.65 -16.41 13.48
N LYS A 166 1.69 -16.37 12.65
CA LYS A 166 3.08 -16.12 13.13
C LYS A 166 3.39 -14.66 12.83
N ILE A 167 3.31 -13.76 13.83
CA ILE A 167 3.65 -12.33 13.64
C ILE A 167 5.16 -12.22 13.86
N THR A 168 5.90 -11.81 12.83
CA THR A 168 7.38 -11.72 12.90
C THR A 168 7.81 -10.25 12.90
N HIS A 169 9.10 -10.02 13.17
CA HIS A 169 9.69 -8.66 13.15
C HIS A 169 9.62 -8.10 11.73
N LYS A 170 9.32 -8.93 10.73
CA LYS A 170 9.17 -8.46 9.33
C LYS A 170 7.76 -7.93 9.06
N MET A 171 6.90 -7.90 10.08
CA MET A 171 5.56 -7.30 10.04
C MET A 171 5.51 -6.18 11.08
N ILE A 172 4.64 -5.21 10.80
CA ILE A 172 4.32 -4.13 11.76
C ILE A 172 2.81 -4.00 11.81
N CYS A 173 2.27 -3.78 13.00
CA CYS A 173 0.80 -3.69 13.15
C CYS A 173 0.40 -2.29 13.56
N ALA A 174 -0.81 -1.89 13.22
CA ALA A 174 -1.31 -0.54 13.52
C ALA A 174 -2.83 -0.64 13.67
N GLY A 175 -3.34 0.05 14.68
CA GLY A 175 -4.78 0.09 14.95
C GLY A 175 -5.05 0.62 16.35
N TYR A 176 -6.31 0.98 16.57
CA TYR A 176 -6.78 1.44 17.91
C TYR A 176 -7.36 0.24 18.66
N ARG A 177 -7.17 0.19 19.98
CA ARG A 177 -7.69 -0.92 20.84
C ARG A 177 -9.21 -1.03 20.61
N GLU A 178 -9.87 0.12 20.51
CA GLU A 178 -11.35 0.22 20.36
C GLU A 178 -11.75 0.11 18.88
N GLY A 179 -10.81 0.00 17.95
CA GLY A 179 -11.13 -0.10 16.51
C GLY A 179 -11.58 1.24 15.94
N GLY A 180 -12.28 1.25 14.81
CA GLY A 180 -12.90 2.48 14.26
C GLY A 180 -12.19 3.05 13.05
N LYS A 181 -10.85 2.94 12.97
CA LYS A 181 -10.02 3.40 11.82
C LYS A 181 -9.08 2.26 11.40
N ASP A 182 -9.03 1.93 10.11
CA ASP A 182 -8.21 0.80 9.60
C ASP A 182 -8.20 0.88 8.07
N ALA A 183 -7.24 0.19 7.47
CA ALA A 183 -7.31 -0.27 6.08
C ALA A 183 -8.51 -1.22 5.94
N CYS A 184 -9.04 -1.34 4.73
CA CYS A 184 -10.08 -2.33 4.38
C CYS A 184 -9.88 -2.75 2.92
N LYS A 185 -10.78 -3.57 2.42
CA LYS A 185 -10.61 -4.29 1.13
C LYS A 185 -10.33 -3.25 0.04
N GLY A 186 -9.24 -3.42 -0.73
CA GLY A 186 -8.84 -2.52 -1.82
C GLY A 186 -7.76 -1.56 -1.42
N ASP A 187 -7.41 -1.51 -0.12
CA ASP A 187 -6.31 -0.65 0.38
C ASP A 187 -4.97 -1.40 0.27
N SER A 188 -4.98 -2.73 0.11
CA SER A 188 -3.71 -3.49 0.17
C SER A 188 -2.77 -3.01 -0.93
N GLY A 189 -1.48 -3.11 -0.61
CA GLY A 189 -0.38 -2.65 -1.46
C GLY A 189 -0.06 -1.18 -1.27
N GLY A 190 -1.00 -0.40 -0.73
CA GLY A 190 -0.75 1.02 -0.46
C GLY A 190 0.18 1.19 0.75
N PRO A 191 0.58 2.46 0.96
CA PRO A 191 1.51 2.80 2.02
C PRO A 191 0.93 3.05 3.41
N LEU A 192 1.70 2.65 4.42
CA LEU A 192 1.65 3.21 5.79
C LEU A 192 2.80 4.21 5.86
N SER A 193 2.45 5.49 5.74
CA SER A 193 3.42 6.61 5.61
C SER A 193 3.54 7.27 6.99
N CYS A 194 4.76 7.44 7.50
CA CYS A 194 5.02 8.06 8.82
C CYS A 194 5.89 9.29 8.62
N LYS A 195 5.49 10.40 9.23
CA LYS A 195 6.24 11.65 9.09
C LYS A 195 7.15 11.76 10.31
N HIS A 196 8.45 11.89 10.05
CA HIS A 196 9.51 11.92 11.09
C HIS A 196 10.51 13.02 10.71
N ASN A 197 10.73 14.00 11.60
CA ASN A 197 11.50 15.24 11.29
C ASN A 197 10.99 15.89 9.99
N GLU A 198 9.66 15.89 9.79
CA GLU A 198 8.95 16.56 8.66
C GLU A 198 9.33 15.87 7.34
N VAL A 199 9.87 14.67 7.42
CA VAL A 199 10.12 13.83 6.21
C VAL A 199 9.20 12.61 6.26
N TRP A 200 8.54 12.29 5.16
CA TRP A 200 7.67 11.10 5.06
C TRP A 200 8.55 9.88 4.80
N HIS A 201 8.33 8.80 5.57
CA HIS A 201 8.99 7.50 5.37
C HIS A 201 7.95 6.42 5.06
N LEU A 202 8.27 5.54 4.13
CA LEU A 202 7.37 4.39 3.83
C LEU A 202 7.66 3.27 4.82
N VAL A 203 6.92 3.25 5.91
CA VAL A 203 7.19 2.33 7.04
C VAL A 203 6.52 0.99 6.78
N GLY A 204 5.32 1.00 6.20
CA GLY A 204 4.53 -0.24 5.99
C GLY A 204 3.96 -0.35 4.60
N ILE A 205 3.67 -1.59 4.19
CA ILE A 205 2.79 -1.86 3.02
C ILE A 205 1.53 -2.56 3.55
N THR A 206 0.35 -2.04 3.22
CA THR A 206 -0.94 -2.56 3.69
C THR A 206 -1.05 -4.02 3.22
N SER A 207 -1.24 -4.96 4.14
CA SER A 207 -1.11 -6.40 3.80
C SER A 207 -2.37 -7.21 4.15
N TRP A 208 -2.71 -7.33 5.43
CA TRP A 208 -3.85 -8.16 5.83
C TRP A 208 -4.38 -7.78 7.20
N GLY A 209 -5.48 -8.41 7.58
CA GLY A 209 -5.99 -8.34 8.95
C GLY A 209 -7.31 -9.05 9.07
N GLU A 210 -7.82 -9.14 10.30
CA GLU A 210 -9.10 -9.84 10.53
C GLU A 210 -10.20 -8.78 10.43
N GLY A 211 -11.04 -8.87 9.40
CA GLY A 211 -12.08 -7.87 9.11
C GLY A 211 -11.45 -6.50 8.92
N CYS A 212 -12.17 -5.43 9.26
CA CYS A 212 -11.70 -4.02 9.11
C CYS A 212 -12.15 -3.18 10.33
N ALA A 213 -11.19 -2.56 11.01
CA ALA A 213 -11.41 -1.60 12.11
C ALA A 213 -12.17 -2.27 13.28
N GLN A 214 -12.02 -3.58 13.48
CA GLN A 214 -12.61 -4.29 14.65
C GLN A 214 -11.77 -3.99 15.89
N ARG A 215 -12.39 -4.07 17.06
CA ARG A 215 -11.69 -3.88 18.36
C ARG A 215 -10.62 -4.97 18.45
N GLU A 216 -9.41 -4.59 18.88
CA GLU A 216 -8.30 -5.51 19.25
C GLU A 216 -7.91 -6.36 18.05
N ARG A 217 -8.18 -5.93 16.82
CA ARG A 217 -7.68 -6.60 15.60
C ARG A 217 -6.96 -5.57 14.73
N PRO A 218 -5.67 -5.28 15.01
CA PRO A 218 -4.98 -4.26 14.24
C PRO A 218 -4.73 -4.72 12.80
N GLY A 219 -4.52 -3.77 11.90
CA GLY A 219 -4.07 -4.07 10.53
C GLY A 219 -2.64 -4.56 10.57
N VAL A 220 -2.29 -5.47 9.66
CA VAL A 220 -0.90 -5.99 9.61
C VAL A 220 -0.27 -5.51 8.30
N TYR A 221 0.96 -5.00 8.39
CA TYR A 221 1.68 -4.32 7.30
C TYR A 221 3.02 -5.00 7.13
N THR A 222 3.50 -5.06 5.89
CA THR A 222 4.90 -5.44 5.66
C THR A 222 5.80 -4.35 6.26
N ASN A 223 6.75 -4.74 7.10
CA ASN A 223 7.70 -3.84 7.81
C ASN A 223 8.83 -3.50 6.82
N VAL A 224 8.69 -2.38 6.11
CA VAL A 224 9.52 -2.05 4.93
C VAL A 224 11.01 -1.97 5.32
N VAL A 225 11.34 -1.46 6.50
CA VAL A 225 12.77 -1.31 6.91
C VAL A 225 13.49 -2.67 6.86
N GLU A 226 12.80 -3.79 7.13
CA GLU A 226 13.39 -5.15 7.10
C GLU A 226 13.61 -5.64 5.66
N TYR A 227 13.16 -4.90 4.64
CA TYR A 227 13.32 -5.28 3.20
C TYR A 227 14.15 -4.24 2.45
N VAL A 228 14.76 -3.29 3.14
CA VAL A 228 15.51 -2.22 2.39
C VAL A 228 16.68 -2.85 1.62
N ASP A 229 17.40 -3.80 2.20
CA ASP A 229 18.50 -4.43 1.45
C ASP A 229 17.97 -5.20 0.23
N TRP A 230 16.82 -5.87 0.37
CA TRP A 230 16.15 -6.56 -0.77
C TRP A 230 15.77 -5.55 -1.86
N ILE A 231 15.15 -4.44 -1.47
CA ILE A 231 14.73 -3.39 -2.44
C ILE A 231 15.97 -2.88 -3.16
N LEU A 232 17.03 -2.52 -2.44
CA LEU A 232 18.23 -1.88 -3.07
C LEU A 232 18.88 -2.88 -4.02
N GLU A 233 18.89 -4.17 -3.67
CA GLU A 233 19.47 -5.23 -4.54
C GLU A 233 18.67 -5.27 -5.85
N LYS A 234 17.35 -5.18 -5.77
CA LYS A 234 16.50 -5.33 -6.98
C LYS A 234 16.51 -4.05 -7.81
N THR A 235 16.64 -2.87 -7.19
CA THR A 235 16.50 -1.55 -7.87
C THR A 235 17.88 -1.04 -8.31
N GLN A 236 18.93 -1.80 -7.99
CA GLN A 236 20.28 -1.77 -8.61
C GLN A 236 21.29 -1.54 -7.49
C1 GOL B . -2.49 12.54 -3.52
O1 GOL B . -3.55 13.08 -2.73
C2 GOL B . -2.95 12.04 -4.86
O2 GOL B . -2.35 10.77 -5.11
C3 GOL B . -2.64 13.01 -5.98
O3 GOL B . -1.27 13.39 -6.00
C1 QVI C . -7.43 -9.95 -4.50
C2 QVI C . -6.70 -9.08 -5.31
C3 QVI C . -7.40 -9.82 -3.10
C4 QVI C . -5.93 -8.08 -4.71
C5 QVI C . -6.63 -8.81 -2.50
C6 QVI C . -5.91 -7.95 -3.33
C7 QVI C . -8.20 -6.01 3.66
C8 QVI C . -6.83 -6.03 2.99
C11 QVI C . -7.13 -4.88 5.62
C12 QVI C . -5.75 -4.96 4.96
C15 QVI C . -7.01 -5.99 1.44
C18 QVI C . -7.03 -7.30 -0.62
C19 QVI C . -6.60 -8.68 -1.07
N22 QVI C . -8.59 -6.31 -2.18
C23 QVI C . -12.04 -5.29 -4.39
C24 QVI C . -12.16 -6.06 -3.22
C27 QVI C . -9.67 -5.30 -4.02
C10 QVI C . -5.99 -4.88 3.47
C13 QVI C . -6.91 -4.92 7.15
N14 QVI C . -8.11 -4.52 7.89
C9 QVI C . -7.95 -6.10 5.14
O16 QVI C . -7.27 -4.97 0.82
N17 QVI C . -6.88 -7.19 0.84
C20 QVI C . -8.48 -7.05 -1.06
O21 QVI C . -9.40 -7.58 -0.44
C28 QVI C . -9.76 -6.03 -2.84
C25 QVI C . -10.76 -4.89 -4.79
C26 QVI C . -11.04 -6.44 -2.46
C29 QVI C . -13.13 -4.91 -5.08
N30 QVI C . -14.38 -4.99 -4.62
N31 QVI C . -15.20 -4.48 -5.57
N32 QVI C . -14.45 -4.07 -6.59
N33 QVI C . -13.15 -4.32 -6.28
#